data_6T0C
#
_entry.id   6T0C
#
_cell.length_a   39.803
_cell.length_b   103.558
_cell.length_c   42.109
_cell.angle_alpha   90.000
_cell.angle_beta   105.546
_cell.angle_gamma   90.000
#
_symmetry.space_group_name_H-M   'P 1 21 1'
#
loop_
_entity.id
_entity.type
_entity.pdbx_description
1 polymer YTHDC1
2 non-polymer ~{N}-methyl-2~{H}-indazole-3-carboxamide
3 non-polymer 'SULFATE ION'
4 water water
#
_entity_poly.entity_id   1
_entity_poly.type   'polypeptide(L)'
_entity_poly.pdbx_seq_one_letter_code
;MHHHHHHSSGRENLYFQGTSKLKYVLQDARFFLIKSNNHENVSLAKAKGVWSTLPVNEKKLNLAFRSARSVILIFSVRES
GKFQGFARLSSESHHGGSPIHWVLPAGMSAKMLGGVFKIDWICRRELPFTKSAHLTNPWNEHKPVKIGRDGQEIELECGT
QLCLLFPPDESIDLYQVIHKMRH
;
_entity_poly.pdbx_strand_id   A,B
#
loop_
_chem_comp.id
_chem_comp.type
_chem_comp.name
_chem_comp.formula
M4E non-polymer ~{N}-methyl-2~{H}-indazole-3-carboxamide 'C9 H9 N3 O'
SO4 non-polymer 'SULFATE ION' 'O4 S -2'
#
# COMPACT_ATOMS: atom_id res chain seq x y z
N GLY A 18 20.53 16.42 4.85
CA GLY A 18 19.71 16.32 3.65
C GLY A 18 19.46 14.88 3.21
N THR A 19 18.89 14.71 2.02
CA THR A 19 18.49 13.40 1.54
C THR A 19 19.11 13.02 0.21
N SER A 20 20.06 13.81 -0.31
CA SER A 20 20.61 13.54 -1.63
C SER A 20 21.48 12.29 -1.62
N LYS A 21 22.39 12.18 -0.65
CA LYS A 21 23.24 10.99 -0.61
C LYS A 21 22.42 9.74 -0.30
N LEU A 22 21.32 9.88 0.43
CA LEU A 22 20.43 8.75 0.65
C LEU A 22 19.82 8.31 -0.67
N LYS A 23 19.21 9.26 -1.41
CA LYS A 23 18.67 8.95 -2.73
C LYS A 23 19.72 8.28 -3.60
N TYR A 24 20.94 8.79 -3.57
CA TYR A 24 22.02 8.18 -4.34
C TYR A 24 22.26 6.73 -3.91
N VAL A 25 22.30 6.48 -2.60
CA VAL A 25 22.48 5.12 -2.10
C VAL A 25 21.34 4.22 -2.58
N LEU A 26 20.11 4.72 -2.54
CA LEU A 26 18.92 3.94 -2.84
C LEU A 26 18.73 3.72 -4.33
N GLN A 27 19.46 4.44 -5.18
CA GLN A 27 19.31 4.34 -6.62
C GLN A 27 19.52 2.90 -7.07
N ASP A 28 18.53 2.38 -7.80
CA ASP A 28 18.56 1.04 -8.38
C ASP A 28 18.85 -0.02 -7.33
N ALA A 29 18.42 0.24 -6.09
CA ALA A 29 18.61 -0.69 -4.98
C ALA A 29 17.53 -1.78 -5.00
N ARG A 30 17.79 -2.84 -4.25
CA ARG A 30 16.79 -3.85 -3.96
C ARG A 30 16.50 -3.82 -2.46
N PHE A 31 15.24 -4.10 -2.11
CA PHE A 31 14.78 -3.96 -0.74
C PHE A 31 14.16 -5.26 -0.28
N PHE A 32 14.38 -5.61 0.98
CA PHE A 32 13.75 -6.81 1.54
C PHE A 32 13.25 -6.52 2.94
N LEU A 33 12.02 -6.92 3.20
CA LEU A 33 11.40 -6.81 4.50
C LEU A 33 11.98 -7.86 5.43
N ILE A 34 12.66 -7.41 6.48
CA ILE A 34 13.10 -8.28 7.56
C ILE A 34 12.12 -8.13 8.72
N LYS A 35 11.63 -9.27 9.22
CA LYS A 35 10.75 -9.31 10.38
C LYS A 35 11.52 -10.02 11.49
N SER A 36 11.64 -9.38 12.64
CA SER A 36 12.27 -9.98 13.81
C SER A 36 11.19 -10.36 14.80
N ASN A 37 11.40 -11.48 15.50
CA ASN A 37 10.47 -11.90 16.55
C ASN A 37 10.59 -11.06 17.81
N ASN A 38 11.73 -10.42 18.04
CA ASN A 38 11.97 -9.75 19.30
C ASN A 38 12.79 -8.50 19.05
N HIS A 39 12.72 -7.58 20.00
CA HIS A 39 13.56 -6.40 19.93
C HIS A 39 15.03 -6.74 20.10
N GLU A 40 15.35 -7.76 20.92
CA GLU A 40 16.75 -8.02 21.24
C GLU A 40 17.57 -8.26 19.99
N ASN A 41 17.00 -8.90 18.97
CA ASN A 41 17.78 -9.19 17.77
C ASN A 41 18.02 -7.95 16.93
N VAL A 42 17.04 -7.04 16.87
CA VAL A 42 17.30 -5.77 16.18
C VAL A 42 18.35 -4.94 16.94
N SER A 43 18.38 -5.04 18.27
CA SER A 43 19.39 -4.36 19.05
C SER A 43 20.78 -4.91 18.79
N LEU A 44 20.92 -6.25 18.76
CA LEU A 44 22.20 -6.86 18.40
C LEU A 44 22.63 -6.44 17.00
N ALA A 45 21.69 -6.45 16.05
CA ALA A 45 22.02 -6.02 14.70
C ALA A 45 22.48 -4.57 14.67
N LYS A 46 21.83 -3.68 15.43
CA LYS A 46 22.26 -2.30 15.47
C LYS A 46 23.61 -2.14 16.16
N ALA A 47 23.92 -2.99 17.15
CA ALA A 47 25.18 -2.87 17.87
C ALA A 47 26.35 -3.42 17.06
N LYS A 48 26.16 -4.59 16.43
CA LYS A 48 27.23 -5.34 15.79
C LYS A 48 27.26 -5.20 14.27
N GLY A 49 26.25 -4.59 13.66
CA GLY A 49 26.25 -4.44 12.23
C GLY A 49 26.16 -5.75 11.49
N VAL A 50 25.34 -6.68 11.97
CA VAL A 50 25.21 -8.00 11.36
C VAL A 50 23.75 -8.38 11.26
N TRP A 51 23.44 -9.26 10.32
CA TRP A 51 22.17 -9.95 10.34
C TRP A 51 22.40 -11.39 9.89
N SER A 52 21.57 -12.30 10.45
CA SER A 52 21.51 -13.71 10.08
C SER A 52 20.06 -14.12 9.86
N THR A 53 19.81 -15.00 8.89
CA THR A 53 18.44 -15.39 8.60
C THR A 53 18.37 -16.87 8.26
N LEU A 54 17.17 -17.34 7.93
CA LEU A 54 16.99 -18.72 7.51
C LEU A 54 17.59 -18.93 6.13
N PRO A 55 18.03 -20.16 5.82
CA PRO A 55 18.74 -20.37 4.56
C PRO A 55 17.93 -20.05 3.32
N VAL A 56 16.60 -20.20 3.37
CA VAL A 56 15.81 -19.85 2.20
C VAL A 56 15.91 -18.36 1.91
N ASN A 57 15.98 -17.54 2.96
CA ASN A 57 16.17 -16.11 2.82
C ASN A 57 17.63 -15.75 2.55
N GLU A 58 18.57 -16.37 3.26
CA GLU A 58 19.97 -16.07 3.03
C GLU A 58 20.37 -16.39 1.60
N LYS A 59 19.74 -17.41 1.01
CA LYS A 59 19.96 -17.69 -0.40
C LYS A 59 19.43 -16.55 -1.27
N LYS A 60 18.27 -15.98 -0.89
CA LYS A 60 17.71 -14.87 -1.67
C LYS A 60 18.58 -13.63 -1.55
N LEU A 61 19.09 -13.34 -0.36
CA LEU A 61 19.89 -12.13 -0.17
C LEU A 61 21.23 -12.23 -0.86
N ASN A 62 21.86 -13.42 -0.85
CA ASN A 62 23.16 -13.60 -1.49
C ASN A 62 23.05 -13.38 -3.00
N LEU A 63 21.96 -13.85 -3.61
CA LEU A 63 21.75 -13.61 -5.04
C LEU A 63 21.50 -12.12 -5.30
N ALA A 64 20.67 -11.49 -4.47
CA ALA A 64 20.43 -10.06 -4.64
C ALA A 64 21.71 -9.25 -4.43
N PHE A 65 22.57 -9.65 -3.49
CA PHE A 65 23.79 -8.87 -3.23
C PHE A 65 24.69 -8.80 -4.46
N ARG A 66 24.84 -9.91 -5.19
CA ARG A 66 25.67 -9.88 -6.41
C ARG A 66 24.99 -9.16 -7.57
N SER A 67 23.69 -8.88 -7.51
CA SER A 67 22.98 -8.35 -8.67
C SER A 67 22.67 -6.86 -8.58
N ALA A 68 22.72 -6.24 -7.40
CA ALA A 68 22.25 -4.87 -7.26
C ALA A 68 23.35 -3.97 -6.68
N ARG A 69 23.33 -2.71 -7.09
CA ARG A 69 24.22 -1.72 -6.52
C ARG A 69 24.08 -1.66 -5.00
N SER A 70 22.88 -1.90 -4.46
CA SER A 70 22.66 -1.88 -3.02
C SER A 70 21.49 -2.81 -2.71
N VAL A 71 21.60 -3.54 -1.61
CA VAL A 71 20.53 -4.41 -1.13
C VAL A 71 20.16 -3.91 0.24
N ILE A 72 18.95 -3.39 0.38
CA ILE A 72 18.50 -2.68 1.57
C ILE A 72 17.58 -3.61 2.37
N LEU A 73 17.91 -3.84 3.65
CA LEU A 73 17.05 -4.58 4.57
C LEU A 73 16.26 -3.56 5.40
N ILE A 74 14.95 -3.76 5.52
CA ILE A 74 14.08 -2.91 6.32
C ILE A 74 13.46 -3.76 7.43
N PHE A 75 13.70 -3.36 8.68
CA PHE A 75 13.39 -4.18 9.86
C PHE A 75 12.07 -3.76 10.50
N SER A 76 11.28 -4.75 10.90
CA SER A 76 10.15 -4.52 11.77
C SER A 76 10.10 -5.64 12.80
N VAL A 77 10.02 -5.28 14.07
CA VAL A 77 9.74 -6.26 15.11
C VAL A 77 8.27 -6.62 15.08
N ARG A 78 7.95 -7.91 15.12
CA ARG A 78 6.56 -8.33 15.00
C ARG A 78 5.77 -7.84 16.21
N GLU A 79 4.52 -7.44 15.96
CA GLU A 79 3.59 -6.94 16.96
C GLU A 79 3.98 -5.57 17.52
N SER A 80 5.01 -4.93 16.95
CA SER A 80 5.39 -3.60 17.40
C SER A 80 4.69 -2.49 16.66
N GLY A 81 4.14 -2.75 15.48
CA GLY A 81 3.50 -1.69 14.74
C GLY A 81 4.40 -0.71 14.05
N LYS A 82 5.73 -0.97 14.01
CA LYS A 82 6.69 -0.04 13.45
C LYS A 82 7.83 -0.78 12.73
N PHE A 83 8.46 -0.08 11.78
CA PHE A 83 9.79 -0.40 11.31
C PHE A 83 10.82 0.22 12.25
N GLN A 84 11.94 -0.47 12.47
CA GLN A 84 12.93 0.00 13.43
C GLN A 84 14.17 0.58 12.75
N GLY A 85 14.14 0.74 11.45
CA GLY A 85 15.21 1.33 10.66
C GLY A 85 15.60 0.41 9.53
N PHE A 86 16.64 0.80 8.79
CA PHE A 86 17.07 -0.04 7.69
C PHE A 86 18.59 0.05 7.50
N ALA A 87 19.13 -0.93 6.77
CA ALA A 87 20.56 -1.10 6.66
C ALA A 87 20.89 -1.61 5.27
N ARG A 88 22.14 -1.42 4.87
CA ARG A 88 22.62 -1.82 3.55
C ARG A 88 23.63 -2.96 3.71
N LEU A 89 23.41 -4.05 2.98
CA LEU A 89 24.32 -5.19 3.01
C LEU A 89 25.68 -4.79 2.47
N SER A 90 26.74 -5.11 3.22
CA SER A 90 28.08 -4.84 2.74
C SER A 90 28.85 -6.11 2.45
N SER A 91 28.24 -7.28 2.63
CA SER A 91 28.85 -8.54 2.23
C SER A 91 27.75 -9.56 1.96
N GLU A 92 28.18 -10.69 1.38
CA GLU A 92 27.39 -11.90 1.39
C GLU A 92 27.48 -12.56 2.77
N SER A 93 26.58 -13.51 3.02
CA SER A 93 26.66 -14.28 4.25
C SER A 93 28.00 -15.03 4.32
N HIS A 94 28.47 -15.24 5.55
CA HIS A 94 29.69 -16.02 5.79
C HIS A 94 29.56 -16.77 7.11
N HIS A 95 30.20 -17.92 7.17
CA HIS A 95 30.16 -18.79 8.34
C HIS A 95 31.47 -18.68 9.10
N GLY A 96 31.41 -19.04 10.39
CA GLY A 96 32.60 -19.16 11.20
C GLY A 96 33.11 -17.89 11.84
N GLY A 97 32.26 -16.88 12.00
CA GLY A 97 32.68 -15.63 12.64
C GLY A 97 32.50 -15.66 14.14
N SER A 98 32.75 -14.51 14.75
CA SER A 98 32.46 -14.37 16.16
C SER A 98 30.97 -14.58 16.36
N PRO A 99 30.55 -15.58 17.14
CA PRO A 99 29.13 -15.97 17.15
C PRO A 99 28.27 -14.86 17.73
N ILE A 100 27.01 -14.87 17.33
CA ILE A 100 26.04 -13.86 17.75
C ILE A 100 24.95 -14.54 18.56
N HIS A 101 24.70 -13.98 19.76
CA HIS A 101 23.78 -14.58 20.72
C HIS A 101 22.34 -14.20 20.41
N TRP A 102 21.88 -14.50 19.19
CA TRP A 102 20.51 -14.21 18.81
C TRP A 102 19.52 -14.86 19.78
N VAL A 103 18.40 -14.19 20.04
CA VAL A 103 17.30 -14.78 20.79
C VAL A 103 16.39 -15.49 19.79
N LEU A 104 16.20 -16.79 19.97
CA LEU A 104 15.49 -17.63 19.02
C LEU A 104 14.33 -18.36 19.70
N PRO A 105 13.27 -18.72 18.94
CA PRO A 105 12.06 -19.36 19.48
C PRO A 105 12.33 -20.69 20.18
N MET A 108 14.74 -24.52 17.95
CA MET A 108 14.96 -23.61 16.83
C MET A 108 16.42 -23.20 16.80
N SER A 109 17.10 -23.45 17.91
CA SER A 109 18.27 -22.66 18.25
C SER A 109 19.45 -22.87 17.31
N ALA A 110 20.06 -21.76 16.90
CA ALA A 110 21.46 -21.62 16.51
C ALA A 110 21.77 -22.12 15.11
N LYS A 111 21.76 -23.44 14.93
CA LYS A 111 22.25 -24.01 13.68
C LYS A 111 21.32 -23.69 12.52
N MET A 112 20.02 -23.53 12.79
CA MET A 112 19.03 -23.32 11.74
C MET A 112 19.28 -22.04 10.97
N LEU A 113 19.94 -21.07 11.57
CA LEU A 113 20.29 -19.84 10.88
C LEU A 113 21.47 -20.10 9.97
N GLY A 114 21.45 -19.47 8.79
CA GLY A 114 22.57 -19.62 7.87
C GLY A 114 23.79 -18.86 8.35
N GLY A 115 24.50 -18.25 7.41
CA GLY A 115 25.65 -17.44 7.73
C GLY A 115 25.25 -16.07 8.24
N VAL A 116 26.26 -15.22 8.37
CA VAL A 116 26.12 -13.88 8.91
C VAL A 116 26.36 -12.91 7.76
N PHE A 117 25.49 -11.93 7.63
CA PHE A 117 25.66 -10.84 6.69
C PHE A 117 26.19 -9.65 7.46
N LYS A 118 27.16 -8.94 6.88
CA LYS A 118 27.57 -7.65 7.41
C LYS A 118 26.70 -6.59 6.77
N ILE A 119 26.28 -5.59 7.58
CA ILE A 119 25.39 -4.52 7.15
C ILE A 119 25.92 -3.18 7.65
N ASP A 120 25.66 -2.12 6.90
CA ASP A 120 25.81 -0.75 7.36
C ASP A 120 24.44 -0.13 7.57
N TRP A 121 24.21 0.38 8.77
CA TRP A 121 22.93 1.01 9.06
C TRP A 121 22.84 2.34 8.32
N ILE A 122 21.66 2.59 7.75
CA ILE A 122 21.38 3.87 7.13
C ILE A 122 20.44 4.72 7.97
N CYS A 123 19.61 4.08 8.78
CA CYS A 123 18.67 4.75 9.66
C CYS A 123 18.44 3.81 10.82
N ARG A 124 18.73 4.26 12.03
CA ARG A 124 18.41 3.50 13.22
C ARG A 124 17.13 3.99 13.91
N ARG A 125 16.41 4.93 13.31
CA ARG A 125 15.18 5.41 13.92
C ARG A 125 13.97 4.58 13.49
N GLU A 126 12.89 4.72 14.26
CA GLU A 126 11.65 4.02 14.05
C GLU A 126 10.77 4.75 13.03
N LEU A 127 9.88 3.99 12.39
CA LEU A 127 8.81 4.59 11.62
C LEU A 127 7.52 3.81 11.84
N PRO A 128 6.45 4.46 12.30
CA PRO A 128 5.20 3.74 12.58
C PRO A 128 4.47 3.33 11.31
N PHE A 129 3.80 2.18 11.37
CA PHE A 129 3.05 1.69 10.20
C PHE A 129 2.05 2.73 9.73
N THR A 130 1.44 3.46 10.67
CA THR A 130 0.40 4.44 10.33
C THR A 130 0.88 5.45 9.28
N LYS A 131 2.19 5.70 9.24
CA LYS A 131 2.81 6.66 8.32
C LYS A 131 3.12 6.08 6.95
N SER A 132 3.09 4.75 6.79
CA SER A 132 3.38 4.14 5.50
C SER A 132 2.15 3.46 4.88
N ALA A 133 0.95 3.82 5.34
CA ALA A 133 -0.26 3.15 4.87
C ALA A 133 -0.67 3.55 3.45
N HIS A 134 0.00 4.53 2.85
CA HIS A 134 -0.25 4.90 1.47
C HIS A 134 0.69 4.22 0.49
N LEU A 135 1.52 3.29 0.96
CA LEU A 135 2.50 2.59 0.12
C LEU A 135 2.13 1.12 0.08
N THR A 136 1.89 0.60 -1.13
CA THR A 136 1.59 -0.80 -1.34
C THR A 136 2.76 -1.43 -2.05
N ASN A 137 2.90 -2.75 -1.88
CA ASN A 137 4.02 -3.49 -2.46
C ASN A 137 3.50 -4.37 -3.58
N PRO A 138 3.79 -4.05 -4.84
CA PRO A 138 3.30 -4.89 -5.95
C PRO A 138 3.74 -6.34 -5.86
N TRP A 139 4.83 -6.66 -5.16
CA TRP A 139 5.28 -8.06 -5.10
C TRP A 139 4.61 -8.83 -3.97
N ASN A 140 3.80 -8.17 -3.15
CA ASN A 140 2.90 -8.86 -2.23
C ASN A 140 1.46 -8.47 -2.54
N GLU A 141 1.06 -8.59 -3.80
CA GLU A 141 -0.34 -8.39 -4.22
C GLU A 141 -0.84 -6.98 -3.89
N HIS A 142 0.09 -6.02 -3.79
CA HIS A 142 -0.24 -4.63 -3.50
C HIS A 142 -0.88 -4.47 -2.13
N LYS A 143 -0.62 -5.41 -1.22
CA LYS A 143 -0.95 -5.16 0.16
C LYS A 143 -0.05 -4.07 0.72
N PRO A 144 -0.45 -3.37 1.78
CA PRO A 144 0.40 -2.32 2.36
C PRO A 144 1.79 -2.89 2.69
N VAL A 145 2.82 -2.06 2.47
CA VAL A 145 4.20 -2.57 2.52
C VAL A 145 4.57 -3.13 3.88
N LYS A 146 3.86 -2.75 4.94
CA LYS A 146 4.04 -3.36 6.26
C LYS A 146 3.61 -4.82 6.30
N ILE A 147 2.75 -5.25 5.38
CA ILE A 147 2.30 -6.62 5.32
C ILE A 147 3.31 -7.42 4.52
N GLY A 148 3.82 -8.51 5.11
CA GLY A 148 4.81 -9.31 4.44
C GLY A 148 5.49 -10.32 5.34
N ARG A 149 5.85 -11.46 4.77
CA ARG A 149 6.62 -12.47 5.48
C ARG A 149 8.06 -12.01 5.62
N ASP A 150 8.74 -12.58 6.60
CA ASP A 150 10.17 -12.33 6.73
C ASP A 150 10.86 -12.66 5.42
N GLY A 151 11.57 -11.67 4.85
CA GLY A 151 12.31 -11.87 3.63
C GLY A 151 11.61 -11.43 2.37
N GLN A 152 10.35 -10.98 2.47
CA GLN A 152 9.60 -10.55 1.32
C GLN A 152 10.30 -9.40 0.60
N GLU A 153 10.39 -9.48 -0.72
CA GLU A 153 10.99 -8.38 -1.46
C GLU A 153 9.99 -7.24 -1.65
N ILE A 154 10.51 -6.02 -1.61
CA ILE A 154 9.73 -4.83 -1.87
C ILE A 154 10.23 -4.21 -3.17
N GLU A 155 9.31 -4.05 -4.11
CA GLU A 155 9.60 -3.44 -5.38
C GLU A 155 10.26 -2.08 -5.22
N LEU A 156 11.08 -1.71 -6.21
CA LEU A 156 11.93 -0.52 -6.19
C LEU A 156 11.21 0.74 -5.72
N GLU A 157 10.06 1.08 -6.33
CA GLU A 157 9.45 2.38 -6.09
C GLU A 157 8.83 2.45 -4.70
N CYS A 158 8.10 1.40 -4.33
CA CYS A 158 7.59 1.30 -2.97
C CYS A 158 8.74 1.34 -1.96
N GLY A 159 9.81 0.59 -2.22
CA GLY A 159 10.89 0.49 -1.24
C GLY A 159 11.63 1.80 -1.03
N THR A 160 11.87 2.54 -2.11
CA THR A 160 12.50 3.85 -2.01
C THR A 160 11.64 4.82 -1.20
N GLN A 161 10.37 4.96 -1.59
CA GLN A 161 9.48 5.89 -0.90
C GLN A 161 9.35 5.53 0.58
N LEU A 162 9.35 4.24 0.90
CA LEU A 162 9.32 3.84 2.30
C LEU A 162 10.56 4.33 3.05
N CYS A 163 11.75 4.14 2.47
CA CYS A 163 12.97 4.58 3.15
C CYS A 163 13.00 6.09 3.36
N LEU A 164 12.54 6.85 2.37
CA LEU A 164 12.50 8.30 2.49
C LEU A 164 11.51 8.78 3.55
N LEU A 165 10.55 7.94 3.96
CA LEU A 165 9.63 8.32 5.02
C LEU A 165 10.30 8.33 6.39
N PHE A 166 11.39 7.60 6.56
CA PHE A 166 12.01 7.53 7.88
C PHE A 166 12.56 8.89 8.28
N PRO A 167 12.49 9.26 9.54
CA PRO A 167 13.14 10.50 10.00
C PRO A 167 14.64 10.42 9.74
N PRO A 168 15.26 11.54 9.38
CA PRO A 168 16.72 11.51 9.14
C PRO A 168 17.45 11.04 10.40
N ASP A 169 18.46 10.22 10.19
CA ASP A 169 19.31 9.72 11.28
C ASP A 169 20.63 10.49 11.20
N GLU A 170 20.68 11.62 11.89
CA GLU A 170 21.79 12.57 11.82
C GLU A 170 23.10 12.00 12.34
N SER A 171 23.08 10.83 12.97
CA SER A 171 24.30 10.22 13.47
C SER A 171 25.03 9.40 12.42
N ILE A 172 24.47 9.31 11.21
CA ILE A 172 25.01 8.45 10.16
C ILE A 172 25.55 9.32 9.03
N ASP A 173 26.72 8.95 8.52
CA ASP A 173 27.38 9.66 7.42
C ASP A 173 27.44 8.69 6.25
N LEU A 174 26.69 8.97 5.18
CA LEU A 174 26.59 8.02 4.08
C LEU A 174 27.82 8.03 3.15
N TYR A 175 28.79 8.91 3.41
CA TYR A 175 29.97 8.98 2.57
C TYR A 175 30.71 7.64 2.53
N GLN A 176 30.89 7.00 3.69
CA GLN A 176 31.62 5.73 3.71
C GLN A 176 30.79 4.60 3.15
N VAL A 177 29.46 4.67 3.31
CA VAL A 177 28.59 3.70 2.65
C VAL A 177 28.73 3.81 1.13
N ILE A 178 28.70 5.05 0.62
CA ILE A 178 28.87 5.26 -0.81
C ILE A 178 30.23 4.71 -1.27
N HIS A 179 31.26 4.86 -0.43
CA HIS A 179 32.59 4.38 -0.80
C HIS A 179 32.65 2.88 -1.04
N LYS A 180 31.59 2.14 -0.70
CA LYS A 180 31.59 0.69 -0.78
C LYS A 180 30.95 0.16 -2.06
N MET A 181 29.93 0.84 -2.56
CA MET A 181 29.26 0.40 -3.79
C MET A 181 30.14 0.65 -5.02
N GLY B 18 -21.26 12.06 14.01
CA GLY B 18 -22.39 12.74 13.41
C GLY B 18 -22.27 12.73 11.89
N THR B 19 -23.42 12.62 11.23
CA THR B 19 -23.51 12.47 9.78
C THR B 19 -23.67 13.79 9.03
N SER B 20 -23.62 14.94 9.70
CA SER B 20 -23.79 16.20 8.98
C SER B 20 -22.74 16.36 7.90
N LYS B 21 -21.49 15.99 8.19
CA LYS B 21 -20.42 16.16 7.21
C LYS B 21 -20.68 15.29 5.99
N LEU B 22 -20.99 14.02 6.21
CA LEU B 22 -21.15 13.13 5.07
C LEU B 22 -22.38 13.52 4.25
N LYS B 23 -23.47 13.89 4.93
CA LYS B 23 -24.70 14.25 4.23
C LYS B 23 -24.49 15.47 3.35
N TYR B 24 -23.61 16.40 3.77
CA TYR B 24 -23.37 17.59 2.97
C TYR B 24 -22.57 17.24 1.73
N VAL B 25 -21.62 16.31 1.84
CA VAL B 25 -20.86 15.87 0.67
C VAL B 25 -21.78 15.19 -0.34
N LEU B 26 -22.71 14.38 0.15
CA LEU B 26 -23.56 13.55 -0.70
C LEU B 26 -24.78 14.29 -1.22
N GLN B 27 -24.97 15.53 -0.82
CA GLN B 27 -26.01 16.36 -1.41
C GLN B 27 -25.64 16.67 -2.85
N ASP B 28 -26.59 16.51 -3.76
CA ASP B 28 -26.33 16.73 -5.19
C ASP B 28 -25.18 15.82 -5.64
N ALA B 29 -25.39 14.53 -5.46
CA ALA B 29 -24.35 13.57 -5.76
C ALA B 29 -24.87 12.59 -6.81
N ARG B 30 -23.95 12.12 -7.65
CA ARG B 30 -24.19 10.96 -8.49
C ARG B 30 -23.35 9.80 -8.00
N PHE B 31 -23.89 8.59 -8.14
CA PHE B 31 -23.36 7.39 -7.51
C PHE B 31 -23.18 6.33 -8.59
N PHE B 32 -22.00 5.68 -8.60
CA PHE B 32 -21.69 4.63 -9.57
C PHE B 32 -21.09 3.42 -8.88
N LEU B 33 -21.68 2.26 -9.15
CA LEU B 33 -21.11 0.98 -8.72
C LEU B 33 -19.84 0.70 -9.51
N ILE B 34 -18.77 0.34 -8.80
CA ILE B 34 -17.50 -0.05 -9.43
C ILE B 34 -17.19 -1.49 -9.02
N LYS B 35 -17.02 -2.36 -9.99
CA LYS B 35 -16.68 -3.76 -9.72
C LYS B 35 -15.24 -4.00 -10.15
N SER B 36 -14.49 -4.70 -9.30
CA SER B 36 -13.11 -5.08 -9.60
C SER B 36 -13.03 -6.60 -9.64
N ASN B 37 -12.13 -7.12 -10.49
CA ASN B 37 -11.95 -8.56 -10.51
C ASN B 37 -11.29 -9.07 -9.24
N ASN B 38 -10.48 -8.25 -8.57
CA ASN B 38 -9.72 -8.74 -7.42
C ASN B 38 -9.58 -7.64 -6.39
N HIS B 39 -9.16 -8.05 -5.18
CA HIS B 39 -8.87 -7.07 -4.13
C HIS B 39 -7.61 -6.27 -4.42
N GLU B 40 -6.71 -6.80 -5.26
CA GLU B 40 -5.41 -6.17 -5.45
C GLU B 40 -5.56 -4.79 -6.04
N ASN B 41 -6.37 -4.66 -7.08
CA ASN B 41 -6.53 -3.33 -7.67
C ASN B 41 -7.22 -2.37 -6.70
N VAL B 42 -8.03 -2.90 -5.78
CA VAL B 42 -8.68 -2.03 -4.79
C VAL B 42 -7.67 -1.62 -3.73
N SER B 43 -6.77 -2.54 -3.37
CA SER B 43 -5.78 -2.17 -2.36
C SER B 43 -4.83 -1.12 -2.90
N LEU B 44 -4.35 -1.31 -4.13
CA LEU B 44 -3.63 -0.25 -4.84
C LEU B 44 -4.37 1.09 -4.78
N ALA B 45 -5.63 1.08 -5.20
CA ALA B 45 -6.39 2.32 -5.31
C ALA B 45 -6.68 2.94 -3.95
N LYS B 46 -6.85 2.10 -2.91
CA LYS B 46 -7.11 2.63 -1.57
C LYS B 46 -5.92 3.44 -1.04
N ALA B 47 -4.69 3.03 -1.39
CA ALA B 47 -3.51 3.70 -0.88
C ALA B 47 -3.17 4.97 -1.64
N LYS B 48 -3.29 4.93 -2.97
CA LYS B 48 -2.78 5.94 -3.89
C LYS B 48 -3.82 6.96 -4.34
N GLY B 49 -5.12 6.71 -4.14
CA GLY B 49 -6.13 7.70 -4.45
C GLY B 49 -6.34 7.89 -5.94
N VAL B 50 -6.59 6.78 -6.63
CA VAL B 50 -6.65 6.75 -8.10
C VAL B 50 -7.62 5.64 -8.51
N TRP B 51 -8.12 5.75 -9.74
CA TRP B 51 -8.88 4.65 -10.31
C TRP B 51 -8.97 4.84 -11.83
N SER B 52 -9.03 3.71 -12.53
CA SER B 52 -9.25 3.68 -13.97
C SER B 52 -10.31 2.64 -14.28
N THR B 53 -11.00 2.84 -15.39
CA THR B 53 -12.08 1.96 -15.77
C THR B 53 -12.10 1.86 -17.30
N LEU B 54 -12.94 0.96 -17.82
CA LEU B 54 -12.99 0.77 -19.26
C LEU B 54 -13.61 2.00 -19.93
N PRO B 55 -13.33 2.21 -21.22
CA PRO B 55 -13.66 3.51 -21.84
C PRO B 55 -15.11 3.95 -21.74
N VAL B 56 -16.07 3.01 -21.76
CA VAL B 56 -17.47 3.39 -21.70
C VAL B 56 -17.79 4.04 -20.36
N ASN B 57 -17.43 3.37 -19.27
CA ASN B 57 -17.61 3.98 -17.96
C ASN B 57 -16.73 5.21 -17.78
N GLU B 58 -15.56 5.26 -18.44
CA GLU B 58 -14.72 6.44 -18.32
C GLU B 58 -15.43 7.66 -18.86
N LYS B 59 -16.11 7.52 -19.99
CA LYS B 59 -16.85 8.65 -20.55
C LYS B 59 -17.99 9.05 -19.62
N LYS B 60 -18.66 8.08 -19.01
CA LYS B 60 -19.76 8.38 -18.09
C LYS B 60 -19.28 9.13 -16.85
N LEU B 61 -18.14 8.71 -16.28
CA LEU B 61 -17.66 9.35 -15.07
C LEU B 61 -17.19 10.79 -15.34
N ASN B 62 -16.57 11.02 -16.50
CA ASN B 62 -16.16 12.37 -16.88
C ASN B 62 -17.36 13.29 -17.06
N LEU B 63 -18.37 12.83 -17.79
CA LEU B 63 -19.62 13.58 -17.93
C LEU B 63 -20.24 13.88 -16.58
N ALA B 64 -20.29 12.85 -15.71
CA ALA B 64 -20.85 13.06 -14.38
C ALA B 64 -20.05 14.08 -13.59
N PHE B 65 -18.72 14.08 -13.74
CA PHE B 65 -17.89 14.97 -12.91
C PHE B 65 -18.23 16.44 -13.14
N ARG B 66 -18.45 16.83 -14.39
CA ARG B 66 -18.84 18.21 -14.71
C ARG B 66 -20.30 18.48 -14.41
N SER B 67 -21.10 17.42 -14.27
CA SER B 67 -22.54 17.59 -14.09
C SER B 67 -22.90 17.83 -12.64
N ALA B 68 -22.27 17.12 -11.71
CA ALA B 68 -22.76 17.03 -10.34
C ALA B 68 -21.74 17.60 -9.37
N ARG B 69 -22.24 17.97 -8.18
CA ARG B 69 -21.39 18.53 -7.12
C ARG B 69 -20.39 17.49 -6.64
N SER B 70 -20.83 16.25 -6.46
CA SER B 70 -19.95 15.14 -6.09
C SER B 70 -20.27 13.92 -6.94
N VAL B 71 -19.26 13.15 -7.30
CA VAL B 71 -19.45 11.88 -8.01
C VAL B 71 -18.85 10.80 -7.13
N ILE B 72 -19.68 9.89 -6.66
CA ILE B 72 -19.29 8.89 -5.68
C ILE B 72 -19.12 7.55 -6.38
N LEU B 73 -17.96 6.93 -6.19
CA LEU B 73 -17.70 5.56 -6.63
C LEU B 73 -17.82 4.63 -5.42
N ILE B 74 -18.64 3.59 -5.55
CA ILE B 74 -18.84 2.57 -4.52
C ILE B 74 -18.29 1.27 -5.06
N PHE B 75 -17.30 0.70 -4.38
CA PHE B 75 -16.52 -0.43 -4.90
C PHE B 75 -17.07 -1.76 -4.40
N SER B 76 -17.09 -2.75 -5.28
CA SER B 76 -17.39 -4.11 -4.83
C SER B 76 -16.59 -5.10 -5.66
N VAL B 77 -15.79 -5.92 -4.99
CA VAL B 77 -14.99 -6.92 -5.69
C VAL B 77 -15.89 -8.10 -6.05
N ARG B 78 -15.86 -8.50 -7.33
CA ARG B 78 -16.70 -9.59 -7.80
C ARG B 78 -16.57 -10.80 -6.89
N GLU B 79 -17.71 -11.39 -6.57
CA GLU B 79 -17.83 -12.58 -5.74
C GLU B 79 -17.44 -12.34 -4.28
N SER B 80 -17.07 -11.11 -3.90
CA SER B 80 -16.73 -10.89 -2.50
C SER B 80 -17.95 -11.00 -1.59
N GLY B 81 -19.14 -10.75 -2.13
CA GLY B 81 -20.31 -10.61 -1.28
C GLY B 81 -20.29 -9.37 -0.43
N LYS B 82 -19.48 -8.38 -0.79
CA LYS B 82 -19.32 -7.19 0.02
C LYS B 82 -18.98 -6.00 -0.87
N PHE B 83 -19.23 -4.81 -0.33
CA PHE B 83 -18.63 -3.58 -0.80
C PHE B 83 -17.36 -3.35 0.02
N GLN B 84 -16.36 -2.74 -0.61
CA GLN B 84 -15.10 -2.54 0.10
C GLN B 84 -14.82 -1.08 0.42
N GLY B 85 -15.77 -0.18 0.17
CA GLY B 85 -15.55 1.22 0.47
C GLY B 85 -16.15 2.15 -0.57
N PHE B 86 -16.02 3.48 -0.40
CA PHE B 86 -16.50 4.37 -1.44
C PHE B 86 -15.70 5.67 -1.46
N ALA B 87 -15.65 6.29 -2.65
CA ALA B 87 -14.71 7.37 -2.92
C ALA B 87 -15.40 8.42 -3.77
N ARG B 88 -14.92 9.66 -3.66
CA ARG B 88 -15.40 10.77 -4.46
C ARG B 88 -14.35 11.16 -5.50
N LEU B 89 -14.77 11.37 -6.74
CA LEU B 89 -13.84 11.84 -7.75
C LEU B 89 -13.40 13.26 -7.41
N SER B 90 -12.10 13.53 -7.48
CA SER B 90 -11.63 14.90 -7.37
C SER B 90 -11.18 15.48 -8.70
N SER B 91 -11.02 14.65 -9.73
CA SER B 91 -10.67 15.14 -11.06
C SER B 91 -11.37 14.29 -12.10
N GLU B 92 -11.49 14.84 -13.31
CA GLU B 92 -11.81 14.02 -14.46
C GLU B 92 -10.68 13.01 -14.66
N SER B 93 -10.88 12.11 -15.63
CA SER B 93 -9.78 11.23 -16.00
C SER B 93 -8.70 12.04 -16.72
N HIS B 94 -7.44 11.72 -16.44
CA HIS B 94 -6.32 12.36 -17.10
C HIS B 94 -5.34 11.29 -17.58
N HIS B 95 -4.66 11.58 -18.68
CA HIS B 95 -3.83 10.61 -19.39
C HIS B 95 -2.35 10.95 -19.27
N GLY B 96 -1.53 9.98 -19.64
CA GLY B 96 -0.10 10.16 -19.74
C GLY B 96 0.51 10.77 -18.50
N GLY B 97 0.16 10.24 -17.34
CA GLY B 97 0.78 10.64 -16.10
C GLY B 97 1.60 9.51 -15.52
N SER B 98 1.69 9.47 -14.19
CA SER B 98 2.28 8.35 -13.47
C SER B 98 1.65 7.05 -13.99
N PRO B 99 2.41 6.22 -14.70
CA PRO B 99 1.83 4.94 -15.18
C PRO B 99 1.60 3.99 -14.01
N ILE B 100 0.39 3.44 -13.93
CA ILE B 100 -0.08 2.74 -12.74
C ILE B 100 -0.23 1.26 -13.05
N HIS B 101 0.43 0.44 -12.24
CA HIS B 101 0.61 -0.99 -12.54
C HIS B 101 -0.56 -1.80 -11.98
N TRP B 102 -1.74 -1.56 -12.56
CA TRP B 102 -2.89 -2.38 -12.23
C TRP B 102 -2.61 -3.83 -12.58
N VAL B 103 -3.22 -4.74 -11.82
CA VAL B 103 -3.20 -6.16 -12.16
C VAL B 103 -4.41 -6.43 -13.04
N LEU B 104 -4.15 -6.64 -14.33
CA LEU B 104 -5.10 -6.75 -15.43
C LEU B 104 -5.45 -8.21 -15.70
N PRO B 105 -6.72 -8.48 -15.96
CA PRO B 105 -7.16 -9.86 -16.20
C PRO B 105 -6.88 -10.29 -17.64
N ALA B 106 -6.81 -11.62 -17.80
CA ALA B 106 -6.79 -12.33 -19.08
C ALA B 106 -5.96 -11.63 -20.16
N GLY B 107 -6.64 -10.98 -21.10
CA GLY B 107 -5.94 -10.29 -22.16
C GLY B 107 -6.30 -8.82 -22.22
N MET B 108 -5.96 -8.07 -21.18
CA MET B 108 -6.19 -6.64 -21.17
C MET B 108 -4.86 -5.90 -21.22
N SER B 109 -4.74 -5.01 -22.19
CA SER B 109 -3.65 -4.06 -22.29
C SER B 109 -3.71 -3.07 -21.15
N ALA B 110 -2.68 -2.22 -21.06
CA ALA B 110 -2.73 -1.08 -20.16
C ALA B 110 -3.70 0.00 -20.64
N LYS B 111 -4.10 -0.04 -21.91
CA LYS B 111 -5.06 0.90 -22.46
C LYS B 111 -6.41 0.21 -22.74
N GLY B 114 -8.30 3.46 -19.48
CA GLY B 114 -7.92 4.70 -20.14
C GLY B 114 -7.12 5.64 -19.24
N GLY B 115 -7.67 6.84 -19.03
CA GLY B 115 -7.07 7.79 -18.13
C GLY B 115 -7.21 7.36 -16.69
N VAL B 116 -6.68 8.21 -15.80
CA VAL B 116 -6.68 7.96 -14.37
C VAL B 116 -7.55 9.01 -13.72
N PHE B 117 -8.50 8.56 -12.90
CA PHE B 117 -9.26 9.45 -12.04
C PHE B 117 -8.53 9.56 -10.71
N LYS B 118 -8.35 10.78 -10.22
CA LYS B 118 -7.94 10.96 -8.84
C LYS B 118 -9.19 10.89 -7.97
N ILE B 119 -9.07 10.21 -6.84
CA ILE B 119 -10.20 9.99 -5.94
C ILE B 119 -9.75 10.26 -4.51
N ASP B 120 -10.68 10.76 -3.70
CA ASP B 120 -10.50 10.80 -2.25
C ASP B 120 -11.44 9.79 -1.63
N TRP B 121 -10.91 8.89 -0.81
CA TRP B 121 -11.74 7.87 -0.22
C TRP B 121 -12.51 8.46 0.94
N ILE B 122 -13.82 8.18 1.00
CA ILE B 122 -14.61 8.61 2.15
C ILE B 122 -14.66 7.49 3.19
N CYS B 123 -14.66 6.24 2.75
CA CYS B 123 -14.71 5.07 3.63
C CYS B 123 -13.92 3.94 2.98
N ARG B 124 -13.02 3.34 3.74
CA ARG B 124 -12.24 2.22 3.21
C ARG B 124 -12.58 0.93 3.94
N ARG B 125 -13.62 0.94 4.76
CA ARG B 125 -14.08 -0.25 5.46
C ARG B 125 -15.20 -0.92 4.69
N GLU B 126 -15.36 -2.22 4.96
CA GLU B 126 -16.26 -3.07 4.20
C GLU B 126 -17.70 -2.94 4.70
N LEU B 127 -18.62 -3.29 3.81
CA LEU B 127 -20.04 -3.37 4.14
C LEU B 127 -20.58 -4.61 3.46
N PRO B 128 -20.93 -5.64 4.20
CA PRO B 128 -21.42 -6.87 3.56
C PRO B 128 -22.78 -6.64 2.90
N PHE B 129 -23.06 -7.46 1.90
CA PHE B 129 -24.32 -7.37 1.19
C PHE B 129 -25.51 -7.62 2.12
N THR B 130 -25.25 -8.28 3.26
CA THR B 130 -26.32 -8.58 4.20
C THR B 130 -26.79 -7.35 4.96
N LYS B 131 -26.02 -6.26 4.96
CA LYS B 131 -26.47 -5.03 5.60
C LYS B 131 -27.18 -4.09 4.64
N SER B 132 -27.23 -4.39 3.35
CA SER B 132 -27.87 -3.50 2.38
C SER B 132 -29.00 -4.20 1.61
N ALA B 133 -29.60 -5.21 2.22
CA ALA B 133 -30.62 -5.97 1.50
C ALA B 133 -31.94 -5.22 1.41
N HIS B 134 -32.17 -4.24 2.29
CA HIS B 134 -33.40 -3.49 2.26
C HIS B 134 -33.41 -2.42 1.18
N LEU B 135 -32.32 -2.28 0.42
CA LEU B 135 -32.13 -1.14 -0.48
C LEU B 135 -32.21 -1.61 -1.91
N THR B 136 -33.10 -1.01 -2.69
CA THR B 136 -33.18 -1.30 -4.11
C THR B 136 -32.88 -0.04 -4.92
N ASN B 137 -32.30 -0.25 -6.10
CA ASN B 137 -31.92 0.83 -6.99
C ASN B 137 -33.03 1.05 -8.01
N PRO B 138 -33.76 2.15 -7.95
CA PRO B 138 -34.83 2.39 -8.94
C PRO B 138 -34.33 2.51 -10.36
N TRP B 139 -33.04 2.76 -10.58
CA TRP B 139 -32.51 2.90 -11.93
C TRP B 139 -31.94 1.59 -12.45
N ASN B 140 -32.03 0.51 -11.66
CA ASN B 140 -31.75 -0.82 -12.17
C ASN B 140 -32.94 -1.73 -11.93
N GLU B 141 -34.12 -1.34 -12.44
CA GLU B 141 -35.35 -2.13 -12.35
C GLU B 141 -35.71 -2.46 -10.91
N HIS B 142 -35.26 -1.62 -9.97
CA HIS B 142 -35.55 -1.77 -8.54
C HIS B 142 -35.04 -3.11 -8.01
N LYS B 143 -33.93 -3.59 -8.55
CA LYS B 143 -33.25 -4.73 -7.97
C LYS B 143 -32.41 -4.29 -6.77
N PRO B 144 -32.05 -5.22 -5.88
CA PRO B 144 -31.15 -4.88 -4.77
C PRO B 144 -29.91 -4.14 -5.26
N VAL B 145 -29.42 -3.20 -4.44
CA VAL B 145 -28.38 -2.30 -4.91
C VAL B 145 -27.06 -3.04 -5.08
N LYS B 146 -26.91 -4.19 -4.42
CA LYS B 146 -25.75 -5.05 -4.62
C LYS B 146 -25.65 -5.55 -6.06
N ILE B 147 -26.79 -5.72 -6.74
CA ILE B 147 -26.82 -6.21 -8.11
C ILE B 147 -26.49 -5.06 -9.08
N GLY B 148 -25.52 -5.29 -9.95
CA GLY B 148 -25.21 -4.29 -10.96
C GLY B 148 -23.92 -4.58 -11.70
N ARG B 149 -23.80 -4.07 -12.91
CA ARG B 149 -22.60 -4.19 -13.70
C ARG B 149 -21.59 -3.14 -13.26
N ASP B 150 -20.36 -3.26 -13.77
CA ASP B 150 -19.36 -2.22 -13.54
C ASP B 150 -19.88 -0.90 -14.08
N GLY B 151 -19.84 0.16 -13.27
CA GLY B 151 -20.30 1.45 -13.74
C GLY B 151 -21.80 1.70 -13.66
N GLN B 152 -22.56 0.85 -12.97
CA GLN B 152 -24.01 1.03 -12.95
C GLN B 152 -24.37 2.24 -12.10
N GLU B 153 -25.15 3.17 -12.64
CA GLU B 153 -25.46 4.37 -11.87
C GLU B 153 -26.52 4.06 -10.82
N ILE B 154 -26.38 4.67 -9.65
CA ILE B 154 -27.28 4.41 -8.52
C ILE B 154 -28.04 5.69 -8.22
N GLU B 155 -29.38 5.56 -8.12
CA GLU B 155 -30.24 6.72 -7.93
C GLU B 155 -29.85 7.46 -6.65
N LEU B 156 -30.12 8.77 -6.65
CA LEU B 156 -29.59 9.64 -5.60
C LEU B 156 -29.93 9.14 -4.20
N GLU B 157 -31.19 8.78 -3.96
CA GLU B 157 -31.57 8.44 -2.60
C GLU B 157 -31.08 7.05 -2.21
N CYS B 158 -31.15 6.07 -3.13
CA CYS B 158 -30.56 4.76 -2.86
C CYS B 158 -29.06 4.87 -2.58
N GLY B 159 -28.34 5.65 -3.41
CA GLY B 159 -26.90 5.79 -3.23
C GLY B 159 -26.55 6.48 -1.93
N THR B 160 -27.38 7.43 -1.50
CA THR B 160 -27.11 8.15 -0.25
C THR B 160 -27.23 7.20 0.95
N GLN B 161 -28.32 6.43 1.01
CA GLN B 161 -28.50 5.50 2.13
C GLN B 161 -27.48 4.37 2.10
N LEU B 162 -27.11 3.91 0.91
CA LEU B 162 -26.08 2.89 0.82
C LEU B 162 -24.79 3.39 1.44
N CYS B 163 -24.40 4.61 1.12
CA CYS B 163 -23.20 5.18 1.72
C CYS B 163 -23.36 5.33 3.22
N LEU B 164 -24.46 5.94 3.66
CA LEU B 164 -24.67 6.19 5.08
C LEU B 164 -24.62 4.91 5.91
N LEU B 165 -24.81 3.74 5.28
CA LEU B 165 -24.72 2.45 5.96
C LEU B 165 -23.28 2.10 6.36
N PHE B 166 -22.27 2.65 5.69
CA PHE B 166 -20.91 2.26 5.97
C PHE B 166 -20.50 2.71 7.37
N PRO B 167 -19.61 1.96 8.02
CA PRO B 167 -19.22 2.31 9.39
C PRO B 167 -18.21 3.44 9.37
N PRO B 168 -17.97 4.09 10.52
CA PRO B 168 -17.05 5.24 10.52
C PRO B 168 -15.63 4.80 10.28
N ASP B 169 -14.91 5.55 9.47
CA ASP B 169 -13.55 5.22 9.13
C ASP B 169 -12.65 6.26 9.78
N GLU B 170 -11.91 5.85 10.80
CA GLU B 170 -11.03 6.70 11.59
C GLU B 170 -9.71 7.04 10.87
N SER B 171 -9.46 6.47 9.71
CA SER B 171 -8.31 6.84 8.91
C SER B 171 -8.62 7.98 7.96
N ILE B 172 -9.88 8.35 7.80
CA ILE B 172 -10.33 9.31 6.81
C ILE B 172 -10.65 10.63 7.49
N ASP B 173 -10.26 11.74 6.85
CA ASP B 173 -10.62 13.09 7.27
C ASP B 173 -11.34 13.78 6.12
N LEU B 174 -12.58 14.20 6.35
CA LEU B 174 -13.44 14.75 5.31
C LEU B 174 -13.11 16.20 4.96
N TYR B 175 -12.30 16.86 5.80
CA TYR B 175 -11.96 18.26 5.60
C TYR B 175 -11.44 18.54 4.20
N GLN B 176 -10.59 17.66 3.68
CA GLN B 176 -10.03 17.83 2.35
C GLN B 176 -11.10 17.72 1.27
N VAL B 177 -12.01 16.75 1.39
CA VAL B 177 -13.10 16.69 0.41
C VAL B 177 -14.00 17.90 0.55
N ILE B 178 -14.42 18.20 1.79
CA ILE B 178 -15.31 19.33 2.01
C ILE B 178 -14.68 20.61 1.47
N HIS B 179 -13.37 20.76 1.59
CA HIS B 179 -12.75 22.02 1.18
C HIS B 179 -12.60 22.13 -0.33
N LYS B 180 -12.67 21.04 -1.08
CA LYS B 180 -12.57 21.14 -2.53
C LYS B 180 -13.93 21.14 -3.25
N MET B 181 -15.03 21.11 -2.51
CA MET B 181 -16.35 21.16 -3.14
C MET B 181 -16.72 22.60 -3.52
C10 M4E C . 12.86 -17.24 13.76
C01 M4E C . 18.44 -12.80 13.75
C03 M4E C . 16.37 -14.09 13.27
C04 M4E C . 15.52 -14.89 12.29
C07 M4E C . 13.99 -16.29 11.39
C08 M4E C . 14.46 -15.83 12.61
C09 M4E C . 13.89 -16.30 13.82
C11 M4E C . 12.37 -17.70 12.52
C12 M4E C . 12.93 -17.24 11.33
N02 M4E C . 17.63 -13.55 12.82
N05 M4E C . 15.61 -14.85 10.99
N06 M4E C . 14.72 -15.67 10.44
O13 M4E C . 16.00 -13.87 14.39
S SO4 D . 23.35 15.31 1.85
O1 SO4 D . 22.69 15.59 3.12
O2 SO4 D . 22.44 15.47 0.74
O3 SO4 D . 23.81 13.93 1.96
O4 SO4 D . 24.49 16.19 1.59
S SO4 E . 9.28 -12.58 -3.19
O1 SO4 E . 10.03 -11.60 -2.41
O2 SO4 E . 8.16 -11.94 -3.88
O3 SO4 E . 8.74 -13.58 -2.27
O4 SO4 E . 10.16 -13.18 -4.20
S SO4 F . 7.06 -15.81 8.37
O1 SO4 F . 5.63 -15.65 8.68
O2 SO4 F . 7.70 -14.47 8.29
O3 SO4 F . 7.74 -16.56 9.42
O4 SO4 F . 7.20 -16.51 7.10
C10 M4E G . -11.72 -5.83 -15.93
C01 M4E G . -8.48 -0.56 -12.27
C03 M4E G . -10.06 -2.25 -13.26
C04 M4E G . -11.36 -2.53 -14.01
C07 M4E G . -13.01 -3.45 -15.23
C08 M4E G . -11.72 -3.68 -14.79
C09 M4E G . -11.07 -4.89 -15.14
C11 M4E G . -13.03 -5.59 -16.39
C12 M4E G . -13.67 -4.39 -16.05
N02 M4E G . -9.70 -0.87 -12.98
N05 M4E G . -12.38 -1.71 -14.03
N06 M4E G . -13.36 -2.25 -14.75
O13 M4E G . -9.37 -3.15 -12.92
S SO4 H . -12.77 -3.21 7.80
O1 SO4 H . -13.88 -2.51 8.44
O2 SO4 H . -11.58 -2.36 7.80
O3 SO4 H . -13.13 -3.54 6.43
O4 SO4 H . -12.49 -4.42 8.56
S SO4 I . -16.51 -0.18 14.95
O1 SO4 I . -16.68 0.04 16.38
O2 SO4 I . -16.45 1.11 14.28
O3 SO4 I . -15.28 -0.90 14.72
O4 SO4 I . -17.64 -0.95 14.42
S SO4 J . -19.22 -6.26 -16.19
O1 SO4 J . -19.45 -6.05 -14.76
O2 SO4 J . -18.60 -5.08 -16.80
O3 SO4 J . -18.31 -7.39 -16.38
O4 SO4 J . -20.51 -6.54 -16.84
#